data_2TRA
#
_entry.id   2TRA
#
_cell.length_a   61.500
_cell.length_b   67.500
_cell.length_c   149.500
_cell.angle_alpha   90.00
_cell.angle_beta   90.00
_cell.angle_gamma   90.00
#
_symmetry.space_group_name_H-M   'C 2 2 21'
#
loop_
_entity.id
_entity.type
_entity.pdbx_description
1 polymer TRNAASP
2 non-polymer SPERMINE
3 non-polymer 'MAGNESIUM ION'
4 water water
#
_entity_poly.entity_id   1
_entity_poly.type   'polyribonucleotide'
_entity_poly.pdbx_seq_one_letter_code
;UCCGUGAUAGUU(PSU)AA(H2U)GG(H2U)CAGAAUGGGCGC(PSU)UGUC(1MG)CGUGCCAGAU(5MC)GGGG
(5MU)(PSU)CAAUUCCCCGUCGCGGAGCCA
;
_entity_poly.pdbx_strand_id   A
#
loop_
_chem_comp.id
_chem_comp.type
_chem_comp.name
_chem_comp.formula
1MG RNA linking 1N-METHYLGUANOSINE-5'-MONOPHOSPHATE 'C11 H16 N5 O8 P'
5MC RNA linking 5-METHYLCYTIDINE-5'-MONOPHOSPHATE 'C10 H16 N3 O8 P'
5MU RNA linking '5-METHYLURIDINE 5'-MONOPHOSPHATE' 'C10 H15 N2 O9 P'
A RNA linking ADENOSINE-5'-MONOPHOSPHATE 'C10 H14 N5 O7 P'
C RNA linking CYTIDINE-5'-MONOPHOSPHATE 'C9 H14 N3 O8 P'
G RNA linking GUANOSINE-5'-MONOPHOSPHATE 'C10 H14 N5 O8 P'
H2U RNA linking 5,6-DIHYDROURIDINE-5'-MONOPHOSPHATE 'C9 H15 N2 O9 P'
MG non-polymer 'MAGNESIUM ION' 'Mg 2'
PSU RNA linking PSEUDOURIDINE-5'-MONOPHOSPHATE 'C9 H13 N2 O9 P'
SPM non-polymer SPERMINE 'C10 H26 N4'
U RNA linking URIDINE-5'-MONOPHOSPHATE 'C9 H13 N2 O9 P'
#
# COMPACT_ATOMS: atom_id res chain seq x y z
N1 PSU A 13 7.51 -6.54 -0.41
C2 PSU A 13 6.86 -5.49 -0.96
N3 PSU A 13 7.65 -4.38 -1.12
C4 PSU A 13 8.97 -4.24 -0.78
C5 PSU A 13 9.57 -5.41 -0.17
C6 PSU A 13 8.83 -6.50 -0.02
O2 PSU A 13 5.69 -5.51 -1.30
O4 PSU A 13 9.62 -3.23 -0.94
C1' PSU A 13 11.00 -5.29 0.23
C2' PSU A 13 11.21 -4.04 1.09
O2' PSU A 13 12.49 -3.48 0.88
C3' PSU A 13 11.20 -4.62 2.49
C4' PSU A 13 11.85 -5.97 2.29
O3' PSU A 13 11.96 -3.84 3.40
O4' PSU A 13 11.39 -6.38 1.02
C5' PSU A 13 11.55 -7.11 3.24
O5' PSU A 13 12.32 -8.20 2.60
P PSU A 13 12.21 -9.62 3.30
OP1 PSU A 13 13.16 -9.65 4.47
OP2 PSU A 13 10.80 -9.99 3.64
P H2U A 16 5.18 5.97 7.97
OP1 H2U A 16 6.03 7.20 8.14
OP2 H2U A 16 5.97 4.71 8.04
O5' H2U A 16 3.86 5.98 8.87
C5' H2U A 16 4.07 6.48 10.22
C4' H2U A 16 3.37 5.54 11.18
O4' H2U A 16 4.30 4.82 11.96
C3' H2U A 16 2.48 6.27 12.18
O3' H2U A 16 1.21 6.64 11.63
C1' H2U A 16 3.79 4.60 13.29
C2' H2U A 16 2.42 5.26 13.32
O2' H2U A 16 1.40 4.33 13.00
N1 H2U A 16 4.77 5.17 14.19
C2 H2U A 16 4.43 5.45 15.46
O2 H2U A 16 3.30 5.30 15.94
N3 H2U A 16 5.43 6.00 16.26
C4 H2U A 16 6.72 6.24 15.89
O4 H2U A 16 7.53 6.73 16.66
C5 H2U A 16 7.07 5.88 14.49
C6 H2U A 16 5.84 5.98 13.60
P H2U A 19 -2.93 11.64 0.26
OP1 H2U A 19 -2.89 10.35 1.00
OP2 H2U A 19 -1.67 11.92 -0.48
O5' H2U A 19 -4.23 11.72 -0.67
C5' H2U A 19 -4.02 12.05 -2.07
C4' H2U A 19 -5.22 11.47 -2.79
O4' H2U A 19 -6.39 11.74 -2.05
C3' H2U A 19 -5.44 12.09 -4.18
O3' H2U A 19 -5.94 11.12 -5.13
C1' H2U A 19 -7.34 12.48 -2.84
C2' H2U A 19 -6.51 13.14 -3.92
O2' H2U A 19 -7.20 13.42 -5.10
N1 H2U A 19 -8.08 13.41 -2.00
C2 H2U A 19 -9.31 13.76 -2.42
O2 H2U A 19 -9.63 13.86 -3.59
N3 H2U A 19 -10.12 14.35 -1.46
C4 H2U A 19 -9.92 14.34 -0.11
O4 H2U A 19 -10.71 14.91 0.65
C5 H2U A 19 -8.70 13.61 0.34
C6 H2U A 19 -7.59 13.78 -0.69
N1 PSU A 32 17.95 -0.23 -30.44
C2 PSU A 32 18.22 -1.46 -29.94
N3 PSU A 32 19.25 -1.48 -29.03
C4 PSU A 32 19.99 -0.40 -28.59
C5 PSU A 32 19.61 0.86 -29.15
C6 PSU A 32 18.63 0.90 -30.07
O2 PSU A 32 17.61 -2.47 -30.28
O4 PSU A 32 20.89 -0.51 -27.78
C1' PSU A 32 20.36 2.11 -28.78
C2' PSU A 32 21.45 2.39 -29.77
O2' PSU A 32 22.49 3.15 -29.13
C3' PSU A 32 20.77 3.33 -30.74
C4' PSU A 32 19.88 4.16 -29.82
O3' PSU A 32 21.67 4.09 -31.58
O4' PSU A 32 19.43 3.19 -28.80
C5' PSU A 32 18.68 4.75 -30.51
O5' PSU A 32 18.44 3.83 -31.64
P PSU A 32 16.96 3.86 -32.25
OP1 PSU A 32 16.90 4.90 -33.33
OP2 PSU A 32 16.32 2.59 -32.62
P 1MG A 37 21.09 -8.45 -27.31
OP1 1MG A 37 19.82 -8.71 -26.55
OP2 1MG A 37 20.94 -7.31 -28.27
O5' 1MG A 37 22.38 -8.36 -26.38
C5' 1MG A 37 22.80 -9.48 -25.57
C4' 1MG A 37 24.05 -9.07 -24.81
O4' 1MG A 37 25.07 -8.72 -25.78
C3' 1MG A 37 23.95 -7.87 -23.91
O3' 1MG A 37 23.37 -8.23 -22.64
C2' 1MG A 37 25.39 -7.40 -23.85
O2' 1MG A 37 26.06 -8.20 -22.90
C1' 1MG A 37 25.90 -7.70 -25.25
N9 1MG A 37 25.82 -6.50 -26.10
C8 1MG A 37 24.99 -6.31 -27.18
N7 1MG A 37 25.14 -5.15 -27.76
C5 1MG A 37 26.14 -4.55 -27.01
C6 1MG A 37 26.77 -3.27 -27.14
O6 1MG A 37 26.50 -2.41 -27.98
N1 1MG A 37 27.73 -3.02 -26.18
CM1 1MG A 37 28.42 -1.74 -26.23
C2 1MG A 37 28.07 -3.92 -25.23
N2 1MG A 37 29.03 -3.52 -24.39
N3 1MG A 37 27.53 -5.12 -25.08
C4 1MG A 37 26.56 -5.36 -25.99
P 5MC A 48 -2.14 -7.45 3.78
OP1 5MC A 48 -3.27 -6.71 4.41
OP2 5MC A 48 -0.83 -7.13 4.39
O5' 5MC A 48 -2.43 -8.99 3.69
C5' 5MC A 48 -2.69 -9.57 2.40
C4' 5MC A 48 -3.17 -10.98 2.70
O4' 5MC A 48 -2.47 -11.46 3.83
C3' 5MC A 48 -4.66 -11.01 3.05
O3' 5MC A 48 -5.44 -11.03 1.87
C2' 5MC A 48 -4.75 -12.26 3.91
O2' 5MC A 48 -4.87 -13.35 3.01
C1' 5MC A 48 -3.39 -12.27 4.60
N1 5MC A 48 -3.64 -11.78 5.98
C2 5MC A 48 -4.48 -12.57 6.76
O2 5MC A 48 -4.95 -13.61 6.31
N3 5MC A 48 -4.74 -12.14 8.02
C4 5MC A 48 -4.22 -10.99 8.52
N4 5MC A 48 -4.50 -10.60 9.76
C5 5MC A 48 -3.37 -10.20 7.71
C6 5MC A 48 -3.12 -10.63 6.47
CM5 5MC A 48 -2.79 -8.91 8.25
N1 5MU A 53 -14.59 2.62 12.26
C2 5MU A 53 -13.38 2.97 11.71
N3 5MU A 53 -13.06 2.51 10.46
C4 5MU A 53 -13.89 1.74 9.73
C5 5MU A 53 -15.16 1.40 10.28
C5M 5MU A 53 -16.12 0.55 9.51
C6 5MU A 53 -15.46 1.86 11.50
O2 5MU A 53 -12.53 3.66 12.25
O4 5MU A 53 -13.50 1.38 8.59
C1' 5MU A 53 -15.01 3.13 13.57
C2' 5MU A 53 -15.29 4.61 13.39
O2' 5MU A 53 -15.03 5.33 14.59
C3' 5MU A 53 -16.80 4.63 13.18
C4' 5MU A 53 -17.30 3.52 14.08
O3' 5MU A 53 -17.39 5.91 13.47
O4' 5MU A 53 -16.27 2.56 14.02
C5' 5MU A 53 -18.58 2.86 13.53
O5' 5MU A 53 -18.38 2.39 12.17
P 5MU A 53 -19.17 1.37 11.24
OP1 5MU A 53 -20.63 1.70 11.05
OP2 5MU A 53 -18.64 1.06 9.87
N1 PSU A 54 -15.38 5.22 8.77
N1 PSU A 54 -21.81 4.81 9.35
C2 PSU A 54 -14.57 4.68 7.82
C2 PSU A 54 -23.14 4.98 9.60
N3 PSU A 54 -13.39 5.36 7.64
N3 PSU A 54 -23.55 6.28 9.66
C4 PSU A 54 -12.99 6.51 8.31
C4 PSU A 54 -22.75 7.41 9.48
C5 PSU A 54 -13.93 7.01 9.29
C5 PSU A 54 -21.37 7.13 9.15
C6 PSU A 54 -15.07 6.35 9.48
C6 PSU A 54 -20.94 5.85 9.16
O2 PSU A 54 -14.85 3.66 7.19
O2 PSU A 54 -23.92 4.04 9.77
O4 PSU A 54 -11.92 7.05 8.07
O4 PSU A 54 -23.20 8.54 9.55
C1' PSU A 54 -13.58 8.24 10.09
C1' PSU A 54 -20.38 8.26 9.09
C2' PSU A 54 -14.21 9.50 9.55
C2' PSU A 54 -20.31 8.62 10.57
O2' PSU A 54 -13.38 10.64 9.79
O2' PSU A 54 -21.21 9.63 10.95
C3' PSU A 54 -15.42 9.65 10.46
C3' PSU A 54 -18.89 9.13 10.73
C4' PSU A 54 -14.93 9.15 11.79
C4' PSU A 54 -18.15 8.25 9.73
O3' PSU A 54 -15.91 10.99 10.44
O3' PSU A 54 -18.80 10.53 10.37
O4' PSU A 54 -14.04 8.08 11.42
O4' PSU A 54 -19.10 7.78 8.72
C5' PSU A 54 -16.00 8.53 12.67
C5' PSU A 54 -17.48 7.02 10.31
O5' PSU A 54 -16.79 7.70 11.76
O5' PSU A 54 -17.48 7.20 11.75
P PSU A 54 -17.96 6.69 12.16
P PSU A 54 -18.31 6.19 12.66
OP1 PSU A 54 -19.25 7.35 12.50
OP1 PSU A 54 -19.01 6.94 13.77
OP2 PSU A 54 -18.17 5.56 11.18
OP2 PSU A 54 -19.24 5.30 11.91
N1 SPM B . -3.98 -11.91 15.52
C2 SPM B . -3.41 -13.11 16.29
C3 SPM B . -4.52 -13.89 17.01
C4 SPM B . -4.34 -15.41 16.84
N5 SPM B . -5.54 -16.19 17.44
C6 SPM B . -5.11 -17.02 18.67
C7 SPM B . -5.05 -18.53 18.31
C8 SPM B . -3.92 -19.22 19.11
C9 SPM B . -3.90 -20.74 18.84
N10 SPM B . -2.48 -21.31 19.00
C11 SPM B . -1.90 -21.75 17.64
C12 SPM B . -0.41 -22.11 17.75
C13 SPM B . -0.01 -23.18 16.71
N14 SPM B . 1.46 -23.58 16.87
MG MG C . 15.78 -5.43 -26.83
#